data_3GF9
#
_entry.id   3GF9
#
_cell.length_a   106.249
_cell.length_b   29.616
_cell.length_c   86.150
_cell.angle_alpha   90.000
_cell.angle_beta   121.060
_cell.angle_gamma   90.000
#
_symmetry.space_group_name_H-M   'C 1 2 1'
#
loop_
_entity.id
_entity.type
_entity.pdbx_description
1 polymer 'Intersectin 2'
2 non-polymer 'UNKNOWN ATOM OR ION'
#
_entity_poly.entity_id   1
_entity_poly.type   'polypeptide(L)'
_entity_poly.pdbx_seq_one_letter_code
;MHHHHHHSSGRENLYFQGCQVIAMYDYAANNEDELSFSKGQLINVMNKDDPDWWQGEINGVTGLFPSNYVKMTTDSDPSQ
QWCADLQTLDTMQPIERKRQGYIHELIQTEERYMADLQLVVEVFQKRMAESGFLTEGEMALIFVNWKELIMSNTKLLKAL
RVRKKTGGEKMPVQMIGDILAAELSHMQAYIRFCSCQLNGAALLQQKTDEDTDFKEFLKKLASDPRCKGMPLSSFLLKPM
QRITRYPLLIRSILENTPESHADHSSLKLALERAEELCSQVNEGVREKENSDRLE
;
_entity_poly.pdbx_strand_id   A
#
# COMPACT_ATOMS: atom_id res chain seq x y z
N ILE A 95 -2.23 -13.77 26.12
CA ILE A 95 -1.29 -13.14 25.22
C ILE A 95 -1.32 -13.76 23.83
N GLU A 96 -1.23 -15.09 23.73
CA GLU A 96 -1.27 -15.73 22.43
C GLU A 96 -2.66 -15.51 21.84
N ARG A 97 -3.61 -15.14 22.71
CA ARG A 97 -4.91 -14.69 22.27
C ARG A 97 -4.76 -13.36 21.53
N LYS A 98 -4.16 -12.39 22.20
CA LYS A 98 -3.89 -11.10 21.58
C LYS A 98 -3.10 -11.31 20.29
N ARG A 99 -1.87 -11.79 20.45
CA ARG A 99 -0.98 -12.04 19.32
C ARG A 99 -1.73 -12.49 18.08
N GLN A 100 -2.62 -13.48 18.23
CA GLN A 100 -3.36 -14.02 17.09
C GLN A 100 -4.28 -13.01 16.42
N GLY A 101 -4.89 -12.13 17.21
CA GLY A 101 -5.76 -11.11 16.67
C GLY A 101 -5.01 -9.98 15.99
N TYR A 102 -3.84 -9.65 16.52
CA TYR A 102 -2.95 -8.66 15.92
C TYR A 102 -2.35 -9.21 14.61
N ILE A 103 -2.15 -10.52 14.56
CA ILE A 103 -1.72 -11.21 13.34
C ILE A 103 -2.85 -11.26 12.31
N HIS A 104 -4.09 -11.42 12.79
CA HIS A 104 -5.28 -11.46 11.94
C HIS A 104 -5.54 -10.06 11.35
N GLU A 105 -5.33 -9.03 12.16
CA GLU A 105 -5.56 -7.66 11.72
C GLU A 105 -4.51 -7.26 10.66
N LEU A 106 -3.31 -7.83 10.75
CA LEU A 106 -2.28 -7.59 9.76
C LEU A 106 -2.67 -8.22 8.43
N ILE A 107 -3.18 -9.43 8.47
CA ILE A 107 -3.50 -10.12 7.24
C ILE A 107 -4.77 -9.58 6.62
N GLN A 108 -5.72 -9.15 7.44
CA GLN A 108 -6.96 -8.61 6.93
C GLN A 108 -6.65 -7.31 6.21
N THR A 109 -6.01 -6.39 6.92
CA THR A 109 -5.67 -5.11 6.31
C THR A 109 -4.85 -5.26 5.03
N GLU A 110 -3.94 -6.23 4.98
CA GLU A 110 -3.17 -6.53 3.77
C GLU A 110 -4.05 -6.97 2.60
N GLU A 111 -4.96 -7.91 2.88
CA GLU A 111 -5.99 -8.30 1.92
C GLU A 111 -6.71 -7.06 1.38
N ARG A 112 -7.18 -6.21 2.28
CA ARG A 112 -7.92 -5.01 1.89
C ARG A 112 -7.03 -4.03 1.12
N TYR A 113 -5.80 -3.86 1.58
CA TYR A 113 -4.85 -2.95 0.94
C TYR A 113 -4.62 -3.39 -0.50
N MET A 114 -4.49 -4.71 -0.70
CA MET A 114 -4.31 -5.25 -2.05
C MET A 114 -5.56 -5.06 -2.96
N ALA A 115 -6.75 -5.20 -2.39
CA ALA A 115 -7.95 -4.94 -3.16
C ALA A 115 -7.98 -3.48 -3.60
N ASP A 116 -7.63 -2.58 -2.68
CA ASP A 116 -7.51 -1.15 -2.98
C ASP A 116 -6.53 -0.87 -4.10
N LEU A 117 -5.41 -1.59 -4.12
CA LEU A 117 -4.45 -1.39 -5.20
C LEU A 117 -5.07 -1.78 -6.56
N GLN A 118 -5.69 -2.96 -6.61
CA GLN A 118 -6.27 -3.49 -7.86
C GLN A 118 -7.44 -2.63 -8.31
N LEU A 119 -8.33 -2.35 -7.37
CA LEU A 119 -9.49 -1.51 -7.61
C LEU A 119 -9.10 -0.24 -8.36
N VAL A 120 -7.93 0.33 -8.04
CA VAL A 120 -7.47 1.57 -8.66
C VAL A 120 -7.19 1.34 -10.13
N VAL A 121 -6.41 0.30 -10.43
CA VAL A 121 -6.17 -0.06 -11.82
C VAL A 121 -7.49 -0.29 -12.58
N GLU A 122 -8.44 -0.91 -11.89
CA GLU A 122 -9.74 -1.22 -12.49
C GLU A 122 -10.53 0.06 -12.73
N VAL A 123 -11.12 0.59 -11.66
CA VAL A 123 -11.91 1.80 -11.69
C VAL A 123 -11.22 3.03 -12.32
N PHE A 124 -9.93 3.23 -12.08
CA PHE A 124 -9.31 4.50 -12.46
C PHE A 124 -8.27 4.45 -13.59
N GLN A 125 -7.23 3.65 -13.45
CA GLN A 125 -6.11 3.77 -14.37
C GLN A 125 -6.40 3.37 -15.82
N LYS A 126 -7.06 2.23 -15.99
CA LYS A 126 -7.44 1.77 -17.34
C LYS A 126 -8.33 2.79 -18.02
N ARG A 127 -9.34 3.27 -17.31
CA ARG A 127 -10.28 4.23 -17.90
C ARG A 127 -9.68 5.63 -18.16
N MET A 128 -8.80 6.12 -17.29
CA MET A 128 -8.15 7.40 -17.54
C MET A 128 -7.24 7.32 -18.77
N ALA A 129 -6.58 6.17 -18.92
CA ALA A 129 -5.75 5.89 -20.08
C ALA A 129 -6.56 6.03 -21.39
N GLU A 130 -7.69 5.33 -21.47
CA GLU A 130 -8.56 5.40 -22.64
C GLU A 130 -9.26 6.76 -22.78
N SER A 131 -9.54 7.41 -21.65
CA SER A 131 -10.37 8.62 -21.65
C SER A 131 -10.00 9.63 -22.73
N GLY A 132 -8.70 9.89 -22.90
CA GLY A 132 -8.26 10.85 -23.87
C GLY A 132 -7.93 12.16 -23.22
N PHE A 133 -8.20 12.27 -21.91
CA PHE A 133 -7.91 13.50 -21.18
C PHE A 133 -6.40 13.63 -20.93
N LEU A 134 -5.74 12.48 -20.81
CA LEU A 134 -4.38 12.45 -20.32
C LEU A 134 -3.40 11.87 -21.34
N THR A 135 -2.22 12.47 -21.46
CA THR A 135 -1.22 11.91 -22.34
C THR A 135 -0.52 10.79 -21.57
N GLU A 136 0.34 10.01 -22.23
CA GLU A 136 1.04 8.90 -21.57
C GLU A 136 1.87 9.43 -20.43
N GLY A 137 2.56 10.53 -20.68
CA GLY A 137 3.42 11.18 -19.70
C GLY A 137 2.64 11.65 -18.49
N GLU A 138 1.48 12.24 -18.72
CA GLU A 138 0.64 12.68 -17.61
C GLU A 138 0.18 11.48 -16.76
N MET A 139 -0.13 10.37 -17.42
CA MET A 139 -0.45 9.14 -16.73
C MET A 139 0.73 8.66 -15.86
N ALA A 140 1.95 8.78 -16.37
CA ALA A 140 3.13 8.36 -15.62
C ALA A 140 3.34 9.21 -14.39
N LEU A 141 3.03 10.50 -14.52
CA LEU A 141 3.22 11.46 -13.44
C LEU A 141 2.30 11.11 -12.28
N ILE A 142 1.09 10.67 -12.64
CA ILE A 142 0.08 10.34 -11.66
C ILE A 142 0.35 8.99 -10.99
N PHE A 143 0.35 7.92 -11.78
CA PHE A 143 0.44 6.57 -11.23
C PHE A 143 1.86 6.06 -10.97
N VAL A 144 2.88 6.78 -11.46
CA VAL A 144 4.28 6.35 -11.35
C VAL A 144 4.35 4.83 -11.48
N ASN A 145 4.90 4.15 -10.47
CA ASN A 145 5.07 2.71 -10.53
C ASN A 145 4.02 1.90 -9.76
N TRP A 146 2.77 2.33 -9.82
CA TRP A 146 1.66 1.65 -9.13
C TRP A 146 1.79 0.14 -9.26
N LYS A 147 2.04 -0.30 -10.49
CA LYS A 147 2.03 -1.72 -10.84
C LYS A 147 3.11 -2.50 -10.08
N GLU A 148 4.23 -1.85 -9.77
CA GLU A 148 5.31 -2.49 -9.04
C GLU A 148 4.87 -2.71 -7.59
N LEU A 149 4.12 -1.76 -7.06
CA LEU A 149 3.57 -1.86 -5.72
C LEU A 149 2.70 -3.10 -5.60
N ILE A 150 1.86 -3.30 -6.61
CA ILE A 150 1.02 -4.48 -6.63
C ILE A 150 1.91 -5.72 -6.61
N MET A 151 2.93 -5.76 -7.47
CA MET A 151 3.80 -6.92 -7.49
C MET A 151 4.48 -7.15 -6.13
N SER A 152 5.13 -6.13 -5.57
CA SER A 152 5.87 -6.34 -4.34
C SER A 152 4.99 -6.85 -3.20
N ASN A 153 3.71 -6.49 -3.24
CA ASN A 153 2.79 -6.95 -2.18
C ASN A 153 2.01 -8.20 -2.55
N THR A 154 1.97 -8.52 -3.84
CA THR A 154 1.38 -9.79 -4.27
C THR A 154 2.12 -10.93 -3.59
N LYS A 155 3.45 -10.79 -3.56
CA LYS A 155 4.33 -11.80 -3.01
C LYS A 155 4.09 -11.92 -1.50
N LEU A 156 3.88 -10.78 -0.86
CA LEU A 156 3.65 -10.73 0.57
C LEU A 156 2.32 -11.34 0.99
N LEU A 157 1.26 -11.04 0.26
CA LEU A 157 -0.06 -11.61 0.55
C LEU A 157 -0.06 -13.14 0.42
N LYS A 158 0.53 -13.65 -0.66
CA LYS A 158 0.59 -15.10 -0.82
C LYS A 158 1.46 -15.69 0.27
N ALA A 159 2.56 -15.02 0.59
CA ALA A 159 3.40 -15.53 1.65
C ALA A 159 2.64 -15.59 2.97
N LEU A 160 1.55 -14.83 3.09
CA LEU A 160 0.74 -14.83 4.31
C LEU A 160 -0.47 -15.78 4.27
N ARG A 161 -1.08 -15.95 3.09
CA ARG A 161 -2.19 -16.88 2.95
C ARG A 161 -1.68 -18.31 3.09
N VAL A 162 -0.50 -18.56 2.53
CA VAL A 162 0.08 -19.90 2.49
C VAL A 162 0.49 -20.36 3.89
N ARG A 163 0.91 -19.39 4.71
CA ARG A 163 1.31 -19.68 6.08
C ARG A 163 0.06 -19.83 6.97
N LYS A 164 -1.09 -19.51 6.40
CA LYS A 164 -2.34 -19.62 7.12
C LYS A 164 -3.09 -20.91 6.74
N VAL A 173 -1.53 -19.66 13.75
CA VAL A 173 -0.24 -19.31 13.17
C VAL A 173 0.75 -18.82 14.24
N GLN A 174 1.83 -19.57 14.42
CA GLN A 174 2.79 -19.30 15.50
C GLN A 174 4.04 -18.58 15.02
N MET A 175 4.22 -18.49 13.70
CA MET A 175 5.47 -17.97 13.14
C MET A 175 5.28 -17.09 11.91
N ILE A 176 5.73 -15.84 12.01
CA ILE A 176 5.41 -14.84 11.00
C ILE A 176 6.55 -13.83 10.77
N GLY A 177 7.27 -13.50 11.84
CA GLY A 177 8.31 -12.51 11.77
C GLY A 177 9.22 -12.69 10.58
N ASP A 178 9.45 -13.94 10.22
CA ASP A 178 10.37 -14.29 9.14
C ASP A 178 9.82 -13.89 7.77
N ILE A 179 8.57 -14.26 7.49
CA ILE A 179 7.87 -13.79 6.30
C ILE A 179 8.03 -12.27 6.16
N LEU A 180 7.79 -11.54 7.25
CA LEU A 180 7.77 -10.07 7.22
C LEU A 180 9.16 -9.47 7.05
N ALA A 181 10.13 -9.99 7.80
CA ALA A 181 11.50 -9.50 7.71
C ALA A 181 12.02 -9.65 6.29
N ALA A 182 11.61 -10.73 5.63
CA ALA A 182 12.07 -11.01 4.27
C ALA A 182 11.38 -10.09 3.29
N GLU A 183 10.06 -10.11 3.30
CA GLU A 183 9.28 -9.35 2.33
C GLU A 183 9.53 -7.86 2.48
N LEU A 184 9.57 -7.39 3.72
CA LEU A 184 9.74 -5.96 3.97
C LEU A 184 11.08 -5.42 3.51
N SER A 185 11.96 -6.29 3.05
CA SER A 185 13.28 -5.81 2.65
C SER A 185 13.44 -5.82 1.15
N HIS A 186 12.34 -6.13 0.46
CA HIS A 186 12.28 -6.09 -0.97
C HIS A 186 11.21 -5.08 -1.39
N MET A 187 11.18 -3.93 -0.70
CA MET A 187 10.15 -2.93 -0.96
C MET A 187 10.68 -1.67 -1.67
N GLN A 188 11.78 -1.80 -2.41
CA GLN A 188 12.37 -0.65 -3.08
C GLN A 188 11.35 0.13 -3.95
N ALA A 189 10.42 -0.59 -4.59
CA ALA A 189 9.38 0.02 -5.42
C ALA A 189 8.70 1.20 -4.72
N TYR A 190 8.54 1.07 -3.41
CA TYR A 190 7.87 2.10 -2.63
C TYR A 190 8.68 3.37 -2.49
N ILE A 191 10.01 3.25 -2.39
CA ILE A 191 10.85 4.43 -2.34
C ILE A 191 10.66 5.29 -3.59
N ARG A 192 10.70 4.65 -4.76
CA ARG A 192 10.43 5.35 -6.01
C ARG A 192 9.01 5.94 -6.08
N PHE A 193 8.00 5.17 -5.71
CA PHE A 193 6.64 5.69 -5.74
C PHE A 193 6.50 6.89 -4.83
N CYS A 194 6.93 6.73 -3.58
CA CYS A 194 6.69 7.77 -2.59
C CYS A 194 7.43 9.06 -2.91
N SER A 195 8.62 8.94 -3.47
CA SER A 195 9.44 10.12 -3.74
C SER A 195 8.92 10.93 -4.96
N CYS A 196 8.03 10.35 -5.76
CA CYS A 196 7.53 10.98 -6.99
C CYS A 196 6.03 11.30 -6.98
N GLN A 197 5.34 10.76 -5.99
CA GLN A 197 3.89 10.83 -5.91
C GLN A 197 3.33 12.27 -5.84
N LEU A 198 3.93 13.12 -4.99
CA LEU A 198 3.41 14.47 -4.84
C LEU A 198 3.41 15.35 -6.11
N ASN A 199 4.37 15.17 -7.02
CA ASN A 199 4.30 15.80 -8.35
C ASN A 199 3.05 15.35 -9.14
N GLY A 200 2.77 14.05 -9.06
CA GLY A 200 1.57 13.53 -9.67
C GLY A 200 0.36 14.21 -9.08
N ALA A 201 0.41 14.41 -7.76
CA ALA A 201 -0.72 14.94 -7.04
C ALA A 201 -0.94 16.40 -7.44
N ALA A 202 0.13 17.15 -7.58
CA ALA A 202 0.01 18.54 -8.03
C ALA A 202 -0.56 18.60 -9.45
N LEU A 203 -0.11 17.70 -10.32
CA LEU A 203 -0.55 17.68 -11.72
C LEU A 203 -2.02 17.35 -11.84
N LEU A 204 -2.44 16.28 -11.17
CA LEU A 204 -3.86 15.95 -11.11
C LEU A 204 -4.65 17.13 -10.58
N GLN A 205 -4.07 17.90 -9.67
CA GLN A 205 -4.80 19.05 -9.17
C GLN A 205 -4.92 20.09 -10.28
N GLN A 206 -3.78 20.53 -10.84
CA GLN A 206 -3.78 21.51 -11.90
C GLN A 206 -4.77 21.10 -12.97
N LYS A 207 -4.53 19.93 -13.54
CA LYS A 207 -5.35 19.35 -14.58
C LYS A 207 -6.84 19.45 -14.23
N THR A 208 -7.15 19.26 -12.94
CA THR A 208 -8.54 19.31 -12.44
C THR A 208 -9.07 20.75 -12.32
N ASP A 209 -8.25 21.65 -11.77
CA ASP A 209 -8.61 23.04 -11.65
C ASP A 209 -9.02 23.64 -12.99
N GLU A 210 -8.35 23.21 -14.05
CA GLU A 210 -8.47 23.91 -15.32
C GLU A 210 -9.52 23.32 -16.26
N ASP A 211 -9.97 22.10 -15.96
CA ASP A 211 -10.86 21.38 -16.88
C ASP A 211 -12.09 20.77 -16.19
N THR A 212 -13.22 21.46 -16.32
CA THR A 212 -14.48 21.02 -15.71
C THR A 212 -14.88 19.62 -16.17
N ASP A 213 -14.63 19.34 -17.45
CA ASP A 213 -14.98 18.05 -18.06
C ASP A 213 -14.16 16.95 -17.44
N PHE A 214 -12.86 17.22 -17.30
CA PHE A 214 -11.96 16.27 -16.69
C PHE A 214 -12.38 15.98 -15.28
N LYS A 215 -12.75 17.03 -14.55
CA LYS A 215 -13.15 16.89 -13.15
C LYS A 215 -14.37 16.01 -12.99
N GLU A 216 -15.42 16.30 -13.76
CA GLU A 216 -16.65 15.54 -13.64
C GLU A 216 -16.37 14.09 -14.03
N PHE A 217 -15.45 13.91 -14.96
CA PHE A 217 -15.07 12.56 -15.42
C PHE A 217 -14.43 11.70 -14.33
N LEU A 218 -13.55 12.32 -13.54
CA LEU A 218 -12.87 11.61 -12.46
C LEU A 218 -13.87 11.20 -11.42
N LYS A 219 -14.80 12.10 -11.13
CA LYS A 219 -15.79 11.82 -10.12
C LYS A 219 -16.76 10.75 -10.63
N LYS A 220 -16.97 10.68 -11.93
CA LYS A 220 -17.79 9.61 -12.46
C LYS A 220 -17.14 8.25 -12.12
N LEU A 221 -15.86 8.10 -12.46
CA LEU A 221 -15.15 6.85 -12.16
C LEU A 221 -15.34 6.46 -10.70
N ALA A 222 -15.21 7.45 -9.82
CA ALA A 222 -15.31 7.22 -8.38
C ALA A 222 -16.71 6.71 -8.01
N SER A 223 -17.66 6.88 -8.91
CA SER A 223 -19.03 6.52 -8.59
C SER A 223 -19.17 5.01 -8.56
N ASP A 224 -18.16 4.31 -9.07
CA ASP A 224 -18.16 2.85 -9.02
C ASP A 224 -18.34 2.36 -7.58
N PRO A 225 -19.28 1.41 -7.40
CA PRO A 225 -19.65 0.91 -6.07
C PRO A 225 -18.45 0.44 -5.23
N ARG A 226 -17.34 0.12 -5.88
CA ARG A 226 -16.20 -0.38 -5.14
C ARG A 226 -15.42 0.71 -4.39
N CYS A 227 -15.44 1.94 -4.91
CA CYS A 227 -14.73 3.06 -4.28
C CYS A 227 -15.48 3.58 -3.05
N LYS A 228 -16.79 3.42 -3.06
CA LYS A 228 -17.63 3.92 -1.98
C LYS A 228 -17.64 5.45 -1.99
N GLY A 229 -17.55 6.05 -3.18
CA GLY A 229 -17.46 7.51 -3.29
C GLY A 229 -16.07 8.12 -3.09
N MET A 230 -15.10 7.33 -2.63
CA MET A 230 -13.76 7.82 -2.44
C MET A 230 -13.06 8.15 -3.77
N PRO A 231 -12.49 9.37 -3.87
CA PRO A 231 -11.86 9.85 -5.10
C PRO A 231 -10.48 9.22 -5.29
N LEU A 232 -9.93 9.29 -6.50
CA LEU A 232 -8.64 8.71 -6.84
C LEU A 232 -7.55 9.20 -5.91
N SER A 233 -7.51 10.51 -5.71
CA SER A 233 -6.55 11.11 -4.81
C SER A 233 -6.50 10.42 -3.43
N SER A 234 -7.57 9.77 -3.01
CA SER A 234 -7.55 9.12 -1.70
C SER A 234 -6.88 7.76 -1.78
N PHE A 235 -7.01 7.12 -2.94
CA PHE A 235 -6.38 5.84 -3.14
C PHE A 235 -4.88 5.98 -3.39
N LEU A 236 -4.46 7.10 -3.93
CA LEU A 236 -3.04 7.30 -4.19
C LEU A 236 -2.24 7.62 -2.92
N LEU A 237 -2.92 7.96 -1.82
CA LEU A 237 -2.28 8.23 -0.53
C LEU A 237 -1.87 6.96 0.15
N LYS A 238 -2.56 5.87 -0.17
CA LYS A 238 -2.54 4.66 0.64
C LYS A 238 -1.19 3.93 0.71
N PRO A 239 -0.50 3.82 -0.42
CA PRO A 239 0.83 3.22 -0.34
C PRO A 239 1.69 3.77 0.81
N MET A 240 1.81 5.09 0.91
CA MET A 240 2.70 5.67 1.92
C MET A 240 2.14 5.43 3.32
N GLN A 241 0.82 5.51 3.43
CA GLN A 241 0.14 5.22 4.67
C GLN A 241 0.38 3.79 5.15
N ARG A 242 0.29 2.84 4.23
CA ARG A 242 0.49 1.42 4.54
C ARG A 242 1.86 1.23 5.17
N ILE A 243 2.89 1.75 4.49
CA ILE A 243 4.26 1.73 4.98
C ILE A 243 4.39 2.27 6.41
N THR A 244 3.70 3.36 6.71
CA THR A 244 3.79 3.91 8.07
C THR A 244 2.97 3.06 9.03
N ARG A 245 2.20 2.11 8.50
CA ARG A 245 1.41 1.26 9.38
C ARG A 245 2.11 -0.05 9.82
N TYR A 246 2.92 -0.61 8.93
CA TYR A 246 3.60 -1.86 9.23
C TYR A 246 4.28 -1.88 10.60
N PRO A 247 5.14 -0.88 10.88
CA PRO A 247 5.80 -0.90 12.20
C PRO A 247 4.79 -0.93 13.35
N LEU A 248 3.64 -0.27 13.20
CA LEU A 248 2.65 -0.30 14.27
C LEU A 248 2.09 -1.69 14.41
N LEU A 249 1.71 -2.29 13.28
CA LEU A 249 1.09 -3.59 13.33
C LEU A 249 2.04 -4.64 13.93
N ILE A 250 3.31 -4.60 13.52
CA ILE A 250 4.32 -5.51 14.04
C ILE A 250 4.62 -5.25 15.51
N ARG A 251 4.62 -3.98 15.91
CA ARG A 251 4.86 -3.67 17.30
C ARG A 251 3.82 -4.36 18.21
N SER A 252 2.55 -4.26 17.83
CA SER A 252 1.50 -4.93 18.58
C SER A 252 1.74 -6.43 18.73
N ILE A 253 1.98 -7.11 17.62
CA ILE A 253 2.21 -8.55 17.61
C ILE A 253 3.37 -8.92 18.52
N LEU A 254 4.42 -8.12 18.44
CA LEU A 254 5.66 -8.33 19.20
C LEU A 254 5.49 -8.15 20.71
N GLU A 255 4.57 -7.26 21.10
CA GLU A 255 4.32 -7.03 22.51
C GLU A 255 3.71 -8.30 23.08
N ASN A 256 3.21 -9.13 22.18
CA ASN A 256 2.49 -10.33 22.58
C ASN A 256 3.20 -11.59 22.05
N THR A 257 4.50 -11.44 21.85
CA THR A 257 5.40 -12.53 21.50
C THR A 257 6.61 -12.41 22.42
N PRO A 258 6.64 -13.19 23.51
CA PRO A 258 7.61 -13.08 24.60
C PRO A 258 8.99 -13.54 24.18
N GLU A 259 10.01 -13.24 24.96
CA GLU A 259 11.36 -13.61 24.55
C GLU A 259 11.39 -15.11 24.17
N SER A 260 10.66 -15.94 24.93
CA SER A 260 10.75 -17.39 24.76
C SER A 260 10.03 -17.95 23.54
N HIS A 261 9.23 -17.11 22.88
CA HIS A 261 8.45 -17.51 21.70
C HIS A 261 9.38 -17.76 20.52
N ALA A 262 9.03 -18.77 19.73
CA ALA A 262 9.84 -19.15 18.58
C ALA A 262 9.94 -18.02 17.57
N ASP A 263 9.06 -17.03 17.68
CA ASP A 263 8.99 -15.98 16.68
C ASP A 263 9.56 -14.64 17.12
N HIS A 264 9.91 -14.54 18.40
CA HIS A 264 10.39 -13.28 18.94
C HIS A 264 11.51 -12.68 18.14
N SER A 265 12.56 -13.47 17.95
CA SER A 265 13.74 -13.04 17.22
C SER A 265 13.44 -12.42 15.84
N SER A 266 12.53 -13.06 15.11
CA SER A 266 12.21 -12.67 13.74
C SER A 266 11.46 -11.36 13.68
N LEU A 267 10.55 -11.17 14.62
CA LEU A 267 9.73 -9.96 14.64
C LEU A 267 10.59 -8.75 14.94
N LYS A 268 11.47 -8.86 15.94
CA LYS A 268 12.39 -7.77 16.26
C LYS A 268 13.09 -7.34 14.98
N LEU A 269 13.51 -8.32 14.18
CA LEU A 269 14.15 -8.05 12.91
C LEU A 269 13.18 -7.40 11.90
N ALA A 270 12.00 -7.99 11.73
CA ALA A 270 11.04 -7.49 10.76
C ALA A 270 10.58 -6.07 11.11
N LEU A 271 10.66 -5.72 12.39
CA LEU A 271 10.30 -4.38 12.84
C LEU A 271 11.44 -3.39 12.60
N GLU A 272 12.68 -3.83 12.70
CA GLU A 272 13.80 -2.96 12.37
C GLU A 272 13.71 -2.56 10.90
N ARG A 273 13.34 -3.52 10.06
CA ARG A 273 13.24 -3.30 8.62
C ARG A 273 12.02 -2.50 8.21
N ALA A 274 10.89 -2.71 8.89
CA ALA A 274 9.70 -1.95 8.57
C ALA A 274 10.01 -0.50 8.90
N GLU A 275 10.70 -0.30 10.02
CA GLU A 275 11.10 1.03 10.44
C GLU A 275 12.09 1.67 9.47
N GLU A 276 13.12 0.90 9.09
CA GLU A 276 14.12 1.41 8.15
C GLU A 276 13.44 1.82 6.84
N LEU A 277 12.39 1.10 6.48
CA LEU A 277 11.70 1.35 5.23
C LEU A 277 10.90 2.66 5.30
N CYS A 278 10.39 2.98 6.50
CA CYS A 278 9.74 4.28 6.73
C CYS A 278 10.73 5.42 6.55
N SER A 279 11.93 5.25 7.11
CA SER A 279 13.01 6.20 6.92
C SER A 279 13.25 6.42 5.42
N GLN A 280 13.64 5.34 4.73
CA GLN A 280 13.89 5.39 3.29
C GLN A 280 12.78 6.04 2.44
N VAL A 281 11.53 5.67 2.72
CA VAL A 281 10.38 6.14 1.93
C VAL A 281 10.18 7.63 2.19
N ASN A 282 10.74 8.06 3.29
CA ASN A 282 10.52 9.39 3.79
C ASN A 282 11.71 10.27 3.38
N GLU A 283 12.85 9.67 3.08
CA GLU A 283 14.02 10.47 2.69
C GLU A 283 13.86 11.17 1.32
N GLY A 284 12.85 10.75 0.55
CA GLY A 284 12.57 11.39 -0.72
C GLY A 284 11.25 12.13 -0.77
#